data_6UE0
#
_entry.id   6UE0
#
_cell.length_a   105.634
_cell.length_b   114.230
_cell.length_c   55.298
_cell.angle_alpha   90.000
_cell.angle_beta   90.000
_cell.angle_gamma   90.000
#
_symmetry.space_group_name_H-M   'P 21 21 2'
#
loop_
_entity.id
_entity.type
_entity.pdbx_description
1 polymer '4-hydroxy-tetrahydrodipicolinate synthase'
2 non-polymer 'SULFATE ION'
3 non-polymer 'CHLORIDE ION'
4 water water
#
_entity_poly.entity_id   1
_entity_poly.type   'polypeptide(L)'
_entity_poly.pdbx_seq_one_letter_code
;MGSSHHHHHHSSGLVPRGSHMASMTGGQQMGRGSMFTGSIVALVTPMDENGNVCRTSLKKLIDYHVANGTSAIVSVGTTG
ESATLSHEEHGDVVMMTLELADGRIPVIAGTGANATAEAISLTKRFNDSGVVGCLTVTPYYNRPTQEGLFQHFKAIAEHT
DLPQILYNVPSRTGCDMLPETVGRLAEIKNIVGI(KPI)EATGNLSRVHQIKELVSDDFILLSGDDATGMDFMQLGGVGV
ISVTANVAAREMADMCRLALAGQFAEARAINQRLMPLHTKLFVEPNPIPVKWGCKALGLVATDTLRLPMTPITDHGREAV
TAALKHAGLL
;
_entity_poly.pdbx_strand_id   AAA,BBB
#
# COMPACT_ATOMS: atom_id res chain seq x y z
N MET A 35 4.35 26.50 14.44
CA MET A 35 3.51 26.33 13.20
C MET A 35 3.01 24.88 13.09
N PHE A 36 3.92 23.92 13.28
CA PHE A 36 3.62 22.47 13.25
C PHE A 36 3.29 21.97 14.67
N THR A 37 2.45 22.73 15.39
CA THR A 37 1.94 22.35 16.73
C THR A 37 0.43 22.54 16.72
N GLY A 38 -0.23 22.02 17.75
CA GLY A 38 -1.69 22.15 17.95
C GLY A 38 -2.50 21.19 17.10
N SER A 39 -3.74 21.59 16.78
CA SER A 39 -4.72 20.83 15.99
C SER A 39 -4.52 21.11 14.50
N ILE A 40 -3.89 20.17 13.80
CA ILE A 40 -3.68 20.17 12.33
C ILE A 40 -4.70 19.21 11.74
N VAL A 41 -5.58 19.69 10.86
CA VAL A 41 -6.62 18.82 10.26
C VAL A 41 -6.00 18.11 9.04
N ALA A 42 -6.17 16.78 8.98
CA ALA A 42 -6.01 15.98 7.74
C ALA A 42 -7.32 16.14 6.97
N LEU A 43 -7.36 17.14 6.08
CA LEU A 43 -8.63 17.63 5.49
C LEU A 43 -9.15 16.62 4.48
N VAL A 44 -10.46 16.37 4.52
CA VAL A 44 -11.16 15.61 3.45
C VAL A 44 -11.03 16.39 2.13
N THR A 45 -11.03 15.65 1.01
CA THR A 45 -11.16 16.23 -0.35
C THR A 45 -12.62 16.11 -0.75
N PRO A 46 -13.42 17.20 -0.67
CA PRO A 46 -14.85 17.10 -0.93
C PRO A 46 -15.05 16.91 -2.43
N MET A 47 -16.00 16.04 -2.77
CA MET A 47 -16.28 15.67 -4.17
C MET A 47 -17.77 15.87 -4.45
N ASP A 48 -18.09 16.18 -5.70
CA ASP A 48 -19.48 16.18 -6.24
C ASP A 48 -19.85 14.73 -6.53
N GLU A 49 -21.09 14.50 -6.99
CA GLU A 49 -21.63 13.17 -7.38
C GLU A 49 -20.68 12.40 -8.31
N ASN A 50 -19.88 13.09 -9.12
CA ASN A 50 -19.03 12.46 -10.17
C ASN A 50 -17.64 12.10 -9.62
N GLY A 51 -17.37 12.36 -8.33
CA GLY A 51 -16.04 12.18 -7.74
C GLY A 51 -15.07 13.29 -8.13
N ASN A 52 -15.57 14.43 -8.60
CA ASN A 52 -14.72 15.61 -8.93
C ASN A 52 -14.70 16.58 -7.74
N VAL A 53 -13.55 17.22 -7.52
CA VAL A 53 -13.31 18.14 -6.37
C VAL A 53 -14.37 19.25 -6.42
N CYS A 54 -14.99 19.52 -5.27
CA CYS A 54 -16.07 20.53 -5.13
C CYS A 54 -15.48 21.79 -4.48
N ARG A 55 -15.27 22.85 -5.26
CA ARG A 55 -14.63 24.11 -4.79
C ARG A 55 -15.53 24.77 -3.74
N THR A 56 -16.85 24.79 -3.95
CA THR A 56 -17.82 25.42 -3.01
C THR A 56 -17.68 24.77 -1.62
N SER A 57 -17.61 23.44 -1.58
CA SER A 57 -17.45 22.66 -0.33
C SER A 57 -16.06 22.89 0.25
N LEU A 58 -15.01 22.87 -0.59
CA LEU A 58 -13.64 23.09 -0.10
C LEU A 58 -13.54 24.49 0.54
N LYS A 59 -14.20 25.50 -0.03
CA LYS A 59 -14.25 26.87 0.54
C LYS A 59 -14.89 26.86 1.93
N LYS A 60 -16.03 26.18 2.08
CA LYS A 60 -16.78 26.04 3.35
C LYS A 60 -15.87 25.39 4.41
N LEU A 61 -15.20 24.31 4.04
CA LEU A 61 -14.26 23.61 4.95
C LEU A 61 -13.18 24.58 5.43
N ILE A 62 -12.53 25.30 4.51
CA ILE A 62 -11.34 26.13 4.86
C ILE A 62 -11.79 27.32 5.71
N ASP A 63 -12.92 27.95 5.39
CA ASP A 63 -13.51 29.04 6.23
C ASP A 63 -13.78 28.50 7.64
N TYR A 64 -14.33 27.29 7.76
CA TYR A 64 -14.61 26.60 9.05
C TYR A 64 -13.33 26.48 9.87
N HIS A 65 -12.23 26.00 9.28
CA HIS A 65 -10.94 25.82 10.00
C HIS A 65 -10.36 27.17 10.41
N VAL A 66 -10.46 28.18 9.54
CA VAL A 66 -9.99 29.56 9.85
C VAL A 66 -10.75 30.08 11.08
N ALA A 67 -12.06 29.80 11.20
CA ALA A 67 -12.96 30.37 12.23
C ALA A 67 -12.87 29.60 13.55
N ASN A 68 -12.24 28.41 13.58
CA ASN A 68 -12.38 27.48 14.72
C ASN A 68 -11.02 27.06 15.28
N GLY A 69 -9.95 27.81 14.97
CA GLY A 69 -8.67 27.72 15.70
C GLY A 69 -7.75 26.62 15.21
N THR A 70 -8.05 25.96 14.09
CA THR A 70 -7.17 24.93 13.50
C THR A 70 -5.82 25.56 13.18
N SER A 71 -4.73 24.90 13.54
CA SER A 71 -3.35 25.42 13.38
CA SER A 71 -3.34 25.41 13.38
C SER A 71 -2.90 25.38 11.90
N ALA A 72 -3.18 24.29 11.19
CA ALA A 72 -2.74 24.08 9.79
C ALA A 72 -3.65 23.07 9.11
N ILE A 73 -3.61 23.05 7.77
CA ILE A 73 -4.34 22.07 6.94
C ILE A 73 -3.31 21.16 6.28
N VAL A 74 -3.45 19.85 6.46
CA VAL A 74 -2.77 18.83 5.61
C VAL A 74 -3.71 18.56 4.43
N SER A 75 -3.23 18.87 3.23
CA SER A 75 -3.99 18.76 1.96
C SER A 75 -3.58 17.47 1.24
N VAL A 76 -4.55 16.60 0.95
CA VAL A 76 -4.35 15.32 0.22
C VAL A 76 -3.37 14.43 1.00
N GLY A 77 -3.62 14.21 2.30
CA GLY A 77 -3.12 13.03 3.04
C GLY A 77 -4.00 11.83 2.78
N THR A 78 -3.91 10.81 3.63
CA THR A 78 -4.74 9.57 3.59
C THR A 78 -6.22 9.99 3.65
N THR A 79 -6.56 10.90 4.56
CA THR A 79 -7.95 11.37 4.82
C THR A 79 -8.45 12.11 3.58
N GLY A 80 -7.55 12.71 2.79
CA GLY A 80 -7.85 13.47 1.56
C GLY A 80 -7.86 12.61 0.30
N GLU A 81 -7.78 11.29 0.43
CA GLU A 81 -7.91 10.29 -0.67
C GLU A 81 -6.75 10.47 -1.65
N SER A 82 -5.52 10.60 -1.15
CA SER A 82 -4.28 10.63 -1.96
C SER A 82 -4.27 9.49 -2.99
N ALA A 83 -4.72 8.28 -2.61
CA ALA A 83 -4.64 7.07 -3.45
C ALA A 83 -5.44 7.19 -4.74
N THR A 84 -6.58 7.89 -4.74
CA THR A 84 -7.51 7.87 -5.90
C THR A 84 -7.45 9.16 -6.72
N LEU A 85 -6.53 10.09 -6.40
CA LEU A 85 -6.33 11.33 -7.17
C LEU A 85 -5.05 11.14 -8.00
N SER A 86 -5.09 11.47 -9.30
CA SER A 86 -3.86 11.57 -10.13
C SER A 86 -2.94 12.63 -9.53
N HIS A 87 -1.66 12.63 -9.86
CA HIS A 87 -0.70 13.71 -9.50
C HIS A 87 -1.27 15.08 -9.89
N GLU A 88 -1.86 15.18 -11.08
CA GLU A 88 -2.47 16.43 -11.63
C GLU A 88 -3.62 16.87 -10.70
N GLU A 89 -4.52 15.96 -10.37
CA GLU A 89 -5.70 16.30 -9.52
C GLU A 89 -5.23 16.65 -8.11
N HIS A 90 -4.28 15.86 -7.61
CA HIS A 90 -3.57 16.08 -6.32
C HIS A 90 -3.03 17.51 -6.25
N GLY A 91 -2.21 17.90 -7.23
CA GLY A 91 -1.68 19.27 -7.34
C GLY A 91 -2.82 20.28 -7.34
N ASP A 92 -3.84 20.05 -8.17
CA ASP A 92 -5.00 20.98 -8.28
C ASP A 92 -5.66 21.17 -6.90
N VAL A 93 -5.82 20.11 -6.11
CA VAL A 93 -6.50 20.21 -4.78
C VAL A 93 -5.61 21.04 -3.85
N VAL A 94 -4.30 20.79 -3.84
CA VAL A 94 -3.37 21.54 -2.95
C VAL A 94 -3.38 23.03 -3.33
N MET A 95 -3.28 23.35 -4.62
CA MET A 95 -3.24 24.76 -5.12
C MET A 95 -4.60 25.44 -4.87
N MET A 96 -5.72 24.73 -5.04
CA MET A 96 -7.05 25.29 -4.71
C MET A 96 -7.14 25.55 -3.19
N THR A 97 -6.59 24.66 -2.36
CA THR A 97 -6.58 24.80 -0.89
C THR A 97 -5.77 26.06 -0.54
N LEU A 98 -4.60 26.25 -1.15
CA LEU A 98 -3.76 27.46 -0.95
C LEU A 98 -4.53 28.72 -1.35
N GLU A 99 -5.20 28.69 -2.50
CA GLU A 99 -5.91 29.86 -3.06
C GLU A 99 -7.04 30.25 -2.12
N LEU A 100 -7.83 29.29 -1.65
CA LEU A 100 -8.99 29.53 -0.75
C LEU A 100 -8.51 29.90 0.65
N ALA A 101 -7.41 29.33 1.15
CA ALA A 101 -6.79 29.71 2.44
C ALA A 101 -6.40 31.20 2.40
N ASP A 102 -5.84 31.67 1.28
CA ASP A 102 -5.53 33.10 1.05
C ASP A 102 -4.67 33.64 2.20
N GLY A 103 -3.63 32.89 2.60
CA GLY A 103 -2.68 33.26 3.66
C GLY A 103 -3.30 33.27 5.06
N ARG A 104 -4.55 32.84 5.24
CA ARG A 104 -5.24 32.89 6.55
C ARG A 104 -4.85 31.70 7.42
N ILE A 105 -4.40 30.61 6.82
CA ILE A 105 -4.08 29.35 7.54
C ILE A 105 -3.02 28.64 6.71
N PRO A 106 -1.94 28.13 7.32
CA PRO A 106 -0.91 27.40 6.58
C PRO A 106 -1.43 26.06 6.02
N VAL A 107 -0.84 25.65 4.89
CA VAL A 107 -1.17 24.39 4.18
C VAL A 107 0.10 23.54 4.12
N ILE A 108 -0.03 22.26 4.45
CA ILE A 108 1.01 21.22 4.30
C ILE A 108 0.55 20.28 3.18
N ALA A 109 1.43 19.98 2.22
CA ALA A 109 1.08 19.13 1.07
C ALA A 109 1.35 17.67 1.47
N GLY A 110 0.38 16.79 1.28
CA GLY A 110 0.66 15.34 1.20
C GLY A 110 1.57 15.06 0.01
N THR A 111 2.73 14.44 0.19
CA THR A 111 3.68 14.16 -0.93
C THR A 111 4.22 12.73 -0.87
N GLY A 112 3.54 11.84 -0.16
CA GLY A 112 3.97 10.44 -0.01
C GLY A 112 3.84 9.65 -1.31
N ALA A 113 4.76 8.72 -1.55
CA ALA A 113 4.63 7.72 -2.63
C ALA A 113 5.49 6.52 -2.27
N ASN A 114 5.18 5.35 -2.85
CA ASN A 114 5.91 4.11 -2.52
C ASN A 114 7.06 3.91 -3.51
N ALA A 115 7.23 4.83 -4.46
CA ALA A 115 8.42 4.86 -5.34
C ALA A 115 9.17 6.16 -5.05
N THR A 116 10.47 6.09 -4.75
CA THR A 116 11.27 7.28 -4.42
C THR A 116 11.18 8.31 -5.56
N ALA A 117 11.28 7.87 -6.82
CA ALA A 117 11.17 8.74 -8.01
C ALA A 117 9.86 9.55 -7.97
N GLU A 118 8.76 8.88 -7.65
CA GLU A 118 7.39 9.48 -7.63
C GLU A 118 7.31 10.49 -6.48
N ALA A 119 7.90 10.17 -5.34
CA ALA A 119 7.88 11.05 -4.14
C ALA A 119 8.68 12.33 -4.47
N ILE A 120 9.82 12.20 -5.13
CA ILE A 120 10.64 13.36 -5.55
C ILE A 120 9.82 14.22 -6.53
N SER A 121 9.10 13.59 -7.45
CA SER A 121 8.24 14.28 -8.45
C SER A 121 7.18 15.13 -7.74
N LEU A 122 6.48 14.56 -6.76
CA LEU A 122 5.45 15.28 -5.96
C LEU A 122 6.12 16.40 -5.18
N THR A 123 7.29 16.14 -4.59
CA THR A 123 8.06 17.13 -3.81
C THR A 123 8.36 18.35 -4.70
N LYS A 124 8.91 18.13 -5.90
CA LYS A 124 9.30 19.23 -6.82
C LYS A 124 8.06 19.99 -7.27
N ARG A 125 6.94 19.31 -7.43
CA ARG A 125 5.65 19.93 -7.83
C ARG A 125 5.28 21.05 -6.84
N PHE A 126 5.58 20.91 -5.54
CA PHE A 126 5.12 21.87 -4.51
C PHE A 126 6.22 22.86 -4.08
N ASN A 127 7.43 22.73 -4.59
CA ASN A 127 8.47 23.78 -4.39
C ASN A 127 7.90 25.13 -4.87
N ASP A 128 8.00 26.15 -4.02
CA ASP A 128 7.54 27.54 -4.27
C ASP A 128 6.03 27.56 -4.58
N SER A 129 5.26 26.59 -4.12
CA SER A 129 3.80 26.55 -4.33
C SER A 129 3.13 27.52 -3.35
N GLY A 130 3.72 27.69 -2.17
CA GLY A 130 3.08 28.41 -1.05
C GLY A 130 2.82 27.52 0.15
N VAL A 131 2.94 26.20 0.04
CA VAL A 131 2.80 25.31 1.23
C VAL A 131 3.97 25.59 2.18
N VAL A 132 3.77 25.32 3.47
CA VAL A 132 4.80 25.55 4.53
C VAL A 132 5.60 24.27 4.78
N GLY A 133 5.16 23.13 4.24
CA GLY A 133 5.87 21.86 4.42
C GLY A 133 5.17 20.72 3.71
N CYS A 134 5.74 19.52 3.83
CA CYS A 134 5.22 18.29 3.18
C CYS A 134 5.04 17.20 4.23
N LEU A 135 3.95 16.43 4.12
CA LEU A 135 3.69 15.22 4.92
C LEU A 135 3.93 14.02 4.01
N THR A 136 4.93 13.18 4.32
CA THR A 136 5.42 12.11 3.42
C THR A 136 5.39 10.75 4.14
N VAL A 137 4.48 9.88 3.70
CA VAL A 137 4.22 8.53 4.30
C VAL A 137 5.34 7.58 3.90
N THR A 138 5.65 6.64 4.79
CA THR A 138 6.48 5.46 4.48
C THR A 138 5.89 4.78 3.24
N PRO A 139 6.74 4.37 2.28
CA PRO A 139 6.29 3.54 1.17
C PRO A 139 5.39 2.39 1.67
N TYR A 140 4.26 2.24 0.99
CA TYR A 140 3.24 1.20 1.24
C TYR A 140 3.39 0.11 0.18
N TYR A 141 2.94 -1.10 0.53
CA TYR A 141 2.82 -2.30 -0.36
C TYR A 141 4.18 -2.96 -0.63
N ASN A 142 5.25 -2.22 -0.90
CA ASN A 142 6.53 -2.84 -1.34
C ASN A 142 7.45 -3.14 -0.16
N ARG A 143 7.15 -2.64 1.05
CA ARG A 143 7.82 -3.04 2.32
C ARG A 143 9.34 -2.90 2.22
N PRO A 144 9.88 -1.67 2.08
CA PRO A 144 11.33 -1.47 2.15
C PRO A 144 11.89 -1.81 3.53
N THR A 145 13.20 -2.05 3.59
CA THR A 145 13.96 -2.21 4.85
C THR A 145 14.09 -0.84 5.52
N GLN A 146 14.57 -0.80 6.76
CA GLN A 146 14.81 0.49 7.47
C GLN A 146 15.85 1.31 6.68
N GLU A 147 16.87 0.67 6.10
CA GLU A 147 17.89 1.37 5.27
C GLU A 147 17.22 1.91 4.01
N GLY A 148 16.25 1.17 3.46
CA GLY A 148 15.46 1.67 2.31
C GLY A 148 14.69 2.91 2.70
N LEU A 149 14.07 2.93 3.88
CA LEU A 149 13.31 4.11 4.39
C LEU A 149 14.26 5.30 4.50
N PHE A 150 15.46 5.08 5.04
CA PHE A 150 16.49 6.12 5.20
C PHE A 150 16.86 6.70 3.83
N GLN A 151 17.15 5.86 2.85
CA GLN A 151 17.56 6.29 1.48
C GLN A 151 16.39 7.02 0.79
N HIS A 152 15.16 6.54 0.96
CA HIS A 152 13.92 7.13 0.38
C HIS A 152 13.78 8.58 0.84
N PHE A 153 13.72 8.78 2.16
CA PHE A 153 13.44 10.09 2.77
C PHE A 153 14.65 11.01 2.60
N LYS A 154 15.86 10.47 2.62
CA LYS A 154 17.07 11.30 2.38
C LYS A 154 17.02 11.89 0.96
N ALA A 155 16.69 11.07 -0.04
CA ALA A 155 16.63 11.47 -1.46
C ALA A 155 15.53 12.52 -1.65
N ILE A 156 14.37 12.31 -1.03
CA ILE A 156 13.26 13.30 -1.08
C ILE A 156 13.72 14.65 -0.49
N ALA A 157 14.30 14.62 0.72
CA ALA A 157 14.69 15.85 1.47
C ALA A 157 15.71 16.66 0.66
N GLU A 158 16.51 16.00 -0.18
CA GLU A 158 17.59 16.63 -0.99
C GLU A 158 16.99 17.52 -2.10
N HIS A 159 15.74 17.28 -2.51
CA HIS A 159 15.14 17.92 -3.70
C HIS A 159 14.22 19.08 -3.28
N THR A 160 14.35 19.61 -2.06
CA THR A 160 13.47 20.70 -1.56
C THR A 160 14.11 21.41 -0.38
N ASP A 161 13.71 22.65 -0.14
CA ASP A 161 14.04 23.39 1.11
C ASP A 161 12.87 23.24 2.08
N LEU A 162 11.76 22.65 1.64
CA LEU A 162 10.53 22.60 2.47
C LEU A 162 10.77 21.64 3.64
N PRO A 163 10.29 22.01 4.84
CA PRO A 163 10.27 21.10 5.98
C PRO A 163 9.48 19.83 5.62
N GLN A 164 10.02 18.68 5.97
CA GLN A 164 9.42 17.35 5.75
C GLN A 164 8.94 16.77 7.09
N ILE A 165 7.66 16.38 7.15
CA ILE A 165 7.09 15.60 8.28
C ILE A 165 6.91 14.15 7.82
N LEU A 166 7.69 13.23 8.39
CA LEU A 166 7.60 11.76 8.16
C LEU A 166 6.22 11.27 8.63
N TYR A 167 5.76 10.13 8.12
CA TYR A 167 4.41 9.63 8.48
C TYR A 167 4.47 8.11 8.54
N ASN A 168 4.32 7.57 9.75
CA ASN A 168 4.35 6.13 10.05
C ASN A 168 2.93 5.65 10.35
N VAL A 169 2.42 4.73 9.53
CA VAL A 169 1.07 4.15 9.71
C VAL A 169 1.12 2.70 9.21
N PRO A 170 1.84 1.82 9.93
CA PRO A 170 2.07 0.45 9.46
C PRO A 170 0.79 -0.36 9.20
N SER A 171 -0.31 -0.06 9.88
CA SER A 171 -1.60 -0.76 9.66
C SER A 171 -1.98 -0.66 8.18
N ARG A 172 -1.67 0.47 7.54
CA ARG A 172 -2.08 0.76 6.14
C ARG A 172 -0.97 0.40 5.18
N THR A 173 0.30 0.56 5.58
CA THR A 173 1.47 0.51 4.66
C THR A 173 2.12 -0.87 4.62
N GLY A 174 2.06 -1.66 5.70
CA GLY A 174 2.82 -2.92 5.82
C GLY A 174 4.28 -2.67 6.16
N CYS A 175 4.65 -1.42 6.47
CA CYS A 175 6.04 -1.03 6.79
C CYS A 175 6.03 -0.20 8.07
N ASP A 176 6.84 -0.59 9.07
CA ASP A 176 6.93 0.13 10.36
C ASP A 176 8.29 0.83 10.42
N MET A 177 8.30 2.16 10.32
CA MET A 177 9.53 2.96 10.52
C MET A 177 9.82 3.01 12.02
N LEU A 178 10.87 2.34 12.46
CA LEU A 178 11.23 2.22 13.89
C LEU A 178 11.87 3.51 14.38
N PRO A 179 11.83 3.78 15.70
CA PRO A 179 12.44 4.97 16.29
C PRO A 179 13.91 5.18 15.91
N GLU A 180 14.71 4.11 15.81
CA GLU A 180 16.13 4.22 15.39
C GLU A 180 16.21 4.89 14.00
N THR A 181 15.37 4.49 13.05
CA THR A 181 15.35 5.09 11.69
C THR A 181 14.92 6.57 11.79
N VAL A 182 13.91 6.89 12.61
CA VAL A 182 13.44 8.30 12.78
C VAL A 182 14.63 9.13 13.28
N GLY A 183 15.37 8.58 14.25
CA GLY A 183 16.59 9.21 14.81
C GLY A 183 17.59 9.53 13.72
N ARG A 184 17.90 8.58 12.85
CA ARG A 184 18.86 8.76 11.73
C ARG A 184 18.37 9.86 10.77
N LEU A 185 17.07 9.89 10.44
CA LEU A 185 16.52 10.87 9.48
C LEU A 185 16.45 12.27 10.09
N ALA A 186 16.27 12.36 11.41
CA ALA A 186 16.18 13.63 12.17
C ALA A 186 17.51 14.42 12.07
N GLU A 187 18.62 13.78 11.70
CA GLU A 187 19.93 14.45 11.49
C GLU A 187 19.92 15.27 10.19
N ILE A 188 18.98 15.03 9.28
CA ILE A 188 18.86 15.77 7.99
C ILE A 188 18.09 17.07 8.26
N LYS A 189 18.62 18.19 7.78
CA LYS A 189 18.21 19.56 8.19
C LYS A 189 16.69 19.74 8.03
N ASN A 190 16.13 19.42 6.86
CA ASN A 190 14.72 19.76 6.56
C ASN A 190 13.79 18.57 6.83
N ILE A 191 14.27 17.54 7.54
CA ILE A 191 13.37 16.52 8.16
C ILE A 191 13.13 16.95 9.60
N VAL A 192 11.95 17.50 9.87
CA VAL A 192 11.68 18.35 11.07
C VAL A 192 10.75 17.64 12.04
N GLY A 193 10.07 16.57 11.64
CA GLY A 193 9.08 15.94 12.52
C GLY A 193 8.53 14.64 11.99
N ILE A 194 7.59 14.05 12.74
CA ILE A 194 6.94 12.77 12.39
C ILE A 194 5.49 12.82 12.87
N GLU A 196 3.11 10.16 13.97
CA GLU A 196 3.21 8.76 14.44
C GLU A 196 1.79 8.24 14.64
N ALA A 197 1.32 7.38 13.74
CA ALA A 197 -0.10 6.97 13.69
C ALA A 197 -0.31 5.59 14.34
N THR A 198 0.70 4.97 14.97
CA THR A 198 0.56 3.58 15.49
C THR A 198 -0.39 3.52 16.69
N GLY A 199 -0.54 4.61 17.44
CA GLY A 199 -1.19 4.57 18.76
C GLY A 199 -0.32 3.89 19.82
N ASN A 200 0.93 3.57 19.48
CA ASN A 200 1.91 2.99 20.45
C ASN A 200 2.59 4.16 21.18
N LEU A 201 2.12 4.45 22.39
CA LEU A 201 2.50 5.68 23.13
C LEU A 201 3.94 5.57 23.64
N SER A 202 4.53 4.37 23.66
CA SER A 202 5.95 4.22 24.06
C SER A 202 6.86 4.84 22.99
N ARG A 203 6.35 5.07 21.78
CA ARG A 203 7.17 5.63 20.66
C ARG A 203 7.54 7.08 20.98
N VAL A 204 6.76 7.80 21.80
CA VAL A 204 7.00 9.25 22.04
C VAL A 204 8.41 9.43 22.58
N HIS A 205 8.74 8.74 23.67
CA HIS A 205 10.06 8.93 24.34
C HIS A 205 11.12 8.02 23.73
N GLN A 206 10.73 6.93 23.09
CA GLN A 206 11.68 6.13 22.28
C GLN A 206 12.25 7.05 21.18
N ILE A 207 11.41 7.84 20.53
CA ILE A 207 11.86 8.79 19.49
C ILE A 207 12.57 9.99 20.14
N LYS A 208 12.00 10.57 21.21
CA LYS A 208 12.57 11.80 21.83
C LYS A 208 14.00 11.51 22.31
N GLU A 209 14.25 10.30 22.80
CA GLU A 209 15.59 9.88 23.30
C GLU A 209 16.64 9.97 22.17
N LEU A 210 16.25 9.86 20.90
CA LEU A 210 17.19 9.72 19.75
C LEU A 210 17.19 10.97 18.85
N VAL A 211 16.47 12.02 19.20
CA VAL A 211 16.35 13.26 18.37
C VAL A 211 16.58 14.48 19.26
N SER A 212 16.87 15.63 18.67
CA SER A 212 17.01 16.90 19.42
C SER A 212 15.63 17.35 19.91
N ASP A 213 15.62 18.26 20.89
CA ASP A 213 14.39 18.75 21.56
C ASP A 213 13.44 19.43 20.57
N ASP A 214 13.94 20.00 19.48
CA ASP A 214 13.06 20.75 18.55
C ASP A 214 12.51 19.83 17.44
N PHE A 215 12.85 18.54 17.41
CA PHE A 215 12.18 17.60 16.46
C PHE A 215 10.71 17.50 16.86
N ILE A 216 9.80 17.66 15.90
CA ILE A 216 8.34 17.80 16.16
C ILE A 216 7.70 16.40 16.19
N LEU A 217 7.02 16.05 17.29
CA LEU A 217 6.24 14.79 17.39
C LEU A 217 4.75 15.10 17.37
N LEU A 218 4.03 14.57 16.38
CA LEU A 218 2.58 14.77 16.19
C LEU A 218 1.89 13.41 16.21
N SER A 219 0.73 13.33 16.86
CA SER A 219 -0.11 12.11 16.83
C SER A 219 -0.82 12.03 15.47
N GLY A 220 -0.83 10.84 14.87
CA GLY A 220 -1.72 10.47 13.77
C GLY A 220 -2.80 9.47 14.19
N ASP A 221 -3.07 9.31 15.49
CA ASP A 221 -4.08 8.34 16.02
C ASP A 221 -5.02 9.08 16.96
N ASP A 222 -6.23 9.44 16.50
CA ASP A 222 -7.13 10.34 17.24
C ASP A 222 -7.39 9.82 18.66
N ALA A 223 -7.67 8.52 18.87
CA ALA A 223 -8.07 7.97 20.20
C ALA A 223 -6.93 8.10 21.23
N THR A 224 -5.67 8.20 20.81
CA THR A 224 -4.51 8.34 21.74
C THR A 224 -3.84 9.71 21.63
N GLY A 225 -4.36 10.63 20.82
CA GLY A 225 -3.78 11.98 20.67
C GLY A 225 -3.56 12.69 22.00
N MET A 226 -4.56 12.69 22.87
CA MET A 226 -4.50 13.38 24.17
C MET A 226 -3.36 12.77 24.99
N ASP A 227 -3.32 11.44 25.09
CA ASP A 227 -2.23 10.73 25.82
C ASP A 227 -0.89 11.11 25.19
N PHE A 228 -0.82 11.15 23.86
CA PHE A 228 0.42 11.42 23.10
C PHE A 228 0.96 12.80 23.50
N MET A 229 0.08 13.80 23.55
CA MET A 229 0.43 15.18 23.94
C MET A 229 0.81 15.22 25.42
N GLN A 230 0.08 14.50 26.30
CA GLN A 230 0.43 14.44 27.73
C GLN A 230 1.87 13.93 27.90
N LEU A 231 2.31 12.99 27.05
CA LEU A 231 3.67 12.41 27.13
C LEU A 231 4.74 13.33 26.50
N GLY A 232 4.35 14.44 25.85
CA GLY A 232 5.31 15.42 25.32
C GLY A 232 5.16 15.70 23.84
N GLY A 233 4.24 15.01 23.15
CA GLY A 233 3.88 15.37 21.76
C GLY A 233 3.38 16.79 21.68
N VAL A 234 3.51 17.48 20.54
CA VAL A 234 3.22 18.94 20.45
C VAL A 234 1.98 19.17 19.60
N GLY A 235 1.27 18.11 19.23
CA GLY A 235 -0.01 18.27 18.54
C GLY A 235 -0.50 17.01 17.88
N VAL A 236 -1.52 17.17 17.06
CA VAL A 236 -2.21 16.03 16.38
C VAL A 236 -2.36 16.40 14.91
N ILE A 237 -2.11 15.47 14.02
CA ILE A 237 -2.67 15.58 12.65
C ILE A 237 -3.88 14.66 12.64
N SER A 238 -5.06 15.28 12.60
CA SER A 238 -6.31 14.73 13.18
C SER A 238 -7.38 14.53 12.10
N VAL A 239 -8.07 13.40 12.17
CA VAL A 239 -9.33 13.14 11.40
C VAL A 239 -10.48 13.83 12.14
N THR A 240 -10.53 13.67 13.47
CA THR A 240 -11.61 14.26 14.32
C THR A 240 -11.74 15.77 14.08
N ALA A 241 -10.62 16.48 13.88
CA ALA A 241 -10.61 17.93 13.65
C ALA A 241 -11.52 18.32 12.48
N ASN A 242 -11.80 17.43 11.53
CA ASN A 242 -12.67 17.74 10.36
C ASN A 242 -14.09 18.13 10.81
N VAL A 243 -14.59 17.54 11.91
CA VAL A 243 -16.00 17.72 12.35
C VAL A 243 -16.07 18.34 13.75
N ALA A 244 -14.94 18.51 14.43
CA ALA A 244 -14.86 19.05 15.81
C ALA A 244 -13.64 19.98 15.94
N ALA A 245 -13.49 20.92 15.01
CA ALA A 245 -12.29 21.79 14.87
C ALA A 245 -12.07 22.58 16.18
N ARG A 246 -13.13 23.21 16.69
CA ARG A 246 -13.04 24.12 17.87
C ARG A 246 -12.61 23.30 19.09
N GLU A 247 -13.24 22.15 19.29
CA GLU A 247 -13.00 21.27 20.46
C GLU A 247 -11.57 20.72 20.36
N MET A 248 -11.14 20.30 19.19
CA MET A 248 -9.77 19.74 19.01
C MET A 248 -8.73 20.86 19.24
N ALA A 249 -8.96 22.06 18.73
CA ALA A 249 -8.05 23.22 18.90
C ALA A 249 -7.92 23.55 20.40
N ASP A 250 -9.05 23.56 21.10
CA ASP A 250 -9.12 23.83 22.56
C ASP A 250 -8.36 22.75 23.32
N MET A 251 -8.62 21.47 23.00
CA MET A 251 -7.98 20.33 23.70
C MET A 251 -6.46 20.42 23.52
N CYS A 252 -5.99 20.72 22.30
CA CYS A 252 -4.52 20.76 22.02
C CYS A 252 -3.90 21.96 22.74
N ARG A 253 -4.56 23.11 22.76
CA ARG A 253 -4.06 24.32 23.48
C ARG A 253 -3.90 23.99 24.98
N LEU A 254 -4.93 23.40 25.59
CA LEU A 254 -4.93 23.04 27.04
C LEU A 254 -3.84 22.00 27.31
N ALA A 255 -3.66 21.00 26.43
CA ALA A 255 -2.66 19.94 26.61
C ALA A 255 -1.25 20.54 26.56
N LEU A 256 -1.02 21.41 25.58
CA LEU A 256 0.32 22.05 25.38
C LEU A 256 0.62 22.98 26.57
N ALA A 257 -0.41 23.51 27.24
CA ALA A 257 -0.27 24.40 28.42
C ALA A 257 -0.18 23.56 29.71
N GLY A 258 -0.24 22.24 29.62
CA GLY A 258 -0.11 21.37 30.80
C GLY A 258 -1.39 21.29 31.62
N GLN A 259 -2.53 21.78 31.10
CA GLN A 259 -3.85 21.66 31.77
C GLN A 259 -4.51 20.34 31.34
N PHE A 260 -3.97 19.22 31.81
CA PHE A 260 -4.31 17.85 31.32
C PHE A 260 -5.75 17.50 31.69
N ALA A 261 -6.19 17.80 32.92
CA ALA A 261 -7.56 17.49 33.41
C ALA A 261 -8.60 18.17 32.51
N GLU A 262 -8.41 19.45 32.21
CA GLU A 262 -9.35 20.25 31.37
C GLU A 262 -9.32 19.70 29.93
N ALA A 263 -8.14 19.35 29.43
CA ALA A 263 -7.97 18.79 28.06
C ALA A 263 -8.72 17.45 27.97
N ARG A 264 -8.57 16.61 28.98
CA ARG A 264 -9.18 15.25 29.00
C ARG A 264 -10.69 15.31 29.08
N ALA A 265 -11.29 16.32 29.71
CA ALA A 265 -12.76 16.48 29.76
C ALA A 265 -13.25 16.70 28.32
N ILE A 266 -12.52 17.48 27.52
CA ILE A 266 -12.82 17.65 26.06
C ILE A 266 -12.59 16.33 25.33
N ASN A 267 -11.47 15.66 25.63
CA ASN A 267 -11.15 14.35 25.00
C ASN A 267 -12.31 13.36 25.22
N GLN A 268 -12.88 13.33 26.43
CA GLN A 268 -13.99 12.40 26.75
C GLN A 268 -15.23 12.77 25.95
N ARG A 269 -15.51 14.05 25.74
CA ARG A 269 -16.63 14.50 24.86
C ARG A 269 -16.40 14.03 23.42
N LEU A 270 -15.14 13.92 22.97
CA LEU A 270 -14.76 13.59 21.58
C LEU A 270 -14.49 12.10 21.39
N MET A 271 -14.38 11.32 22.46
CA MET A 271 -13.89 9.92 22.36
C MET A 271 -14.82 9.08 21.47
N PRO A 272 -16.17 9.18 21.54
CA PRO A 272 -17.00 8.49 20.56
C PRO A 272 -16.65 8.83 19.10
N LEU A 273 -16.37 10.10 18.78
CA LEU A 273 -15.87 10.47 17.43
C LEU A 273 -14.50 9.83 17.17
N HIS A 274 -13.56 9.92 18.11
CA HIS A 274 -12.19 9.36 17.92
C HIS A 274 -12.29 7.88 17.54
N THR A 275 -13.30 7.17 18.08
CA THR A 275 -13.51 5.73 17.86
C THR A 275 -14.33 5.50 16.58
N LYS A 276 -15.52 6.09 16.50
CA LYS A 276 -16.53 5.78 15.45
C LYS A 276 -16.16 6.42 14.10
N LEU A 277 -15.24 7.39 14.05
CA LEU A 277 -14.75 7.90 12.73
C LEU A 277 -13.88 6.82 12.05
N PHE A 278 -13.66 5.67 12.69
CA PHE A 278 -12.96 4.49 12.11
C PHE A 278 -13.86 3.25 12.19
N VAL A 279 -15.18 3.43 12.36
CA VAL A 279 -16.16 2.31 12.35
C VAL A 279 -16.09 1.63 10.98
N GLU A 280 -15.89 2.41 9.92
CA GLU A 280 -15.49 1.94 8.58
C GLU A 280 -14.18 2.65 8.27
N PRO A 281 -13.35 2.10 7.35
CA PRO A 281 -12.05 2.69 7.09
C PRO A 281 -12.14 4.18 6.75
N ASN A 282 -11.30 4.96 7.41
CA ASN A 282 -11.09 6.41 7.15
C ASN A 282 -10.72 6.58 5.68
N PRO A 283 -11.27 7.58 4.93
CA PRO A 283 -12.21 8.59 5.44
C PRO A 283 -13.71 8.42 5.16
N ILE A 284 -14.21 7.19 5.13
CA ILE A 284 -15.64 6.94 4.79
C ILE A 284 -16.53 7.61 5.84
N PRO A 285 -16.32 7.38 7.16
CA PRO A 285 -17.16 8.01 8.18
C PRO A 285 -17.03 9.53 8.27
N VAL A 286 -15.80 10.07 8.22
CA VAL A 286 -15.57 11.52 8.43
C VAL A 286 -16.20 12.32 7.27
N LYS A 287 -16.23 11.78 6.05
CA LYS A 287 -16.85 12.51 4.90
C LYS A 287 -18.37 12.59 5.11
N TRP A 288 -18.99 11.53 5.60
CA TRP A 288 -20.44 11.60 5.98
C TRP A 288 -20.61 12.60 7.14
N GLY A 289 -19.71 12.59 8.12
CA GLY A 289 -19.75 13.53 9.25
C GLY A 289 -19.79 14.96 8.78
N CYS A 290 -18.89 15.30 7.86
CA CYS A 290 -18.80 16.66 7.27
C CYS A 290 -20.12 17.00 6.57
N LYS A 291 -20.72 16.05 5.87
CA LYS A 291 -22.01 16.28 5.16
C LYS A 291 -23.09 16.54 6.20
N ALA A 292 -23.16 15.71 7.25
CA ALA A 292 -24.14 15.81 8.36
C ALA A 292 -24.09 17.20 9.01
N LEU A 293 -22.90 17.83 9.05
CA LEU A 293 -22.72 19.18 9.65
C LEU A 293 -22.92 20.28 8.60
N GLY A 294 -23.25 19.94 7.36
CA GLY A 294 -23.46 20.90 6.26
C GLY A 294 -22.15 21.49 5.74
N LEU A 295 -21.00 20.89 6.04
CA LEU A 295 -19.68 21.44 5.64
C LEU A 295 -19.38 21.10 4.18
N VAL A 296 -19.93 19.99 3.68
CA VAL A 296 -19.76 19.56 2.27
C VAL A 296 -21.14 19.22 1.70
N ALA A 297 -21.30 19.38 0.39
CA ALA A 297 -22.58 19.12 -0.33
C ALA A 297 -22.82 17.61 -0.40
N THR A 298 -21.78 16.81 -0.68
CA THR A 298 -21.91 15.32 -0.78
C THR A 298 -20.72 14.65 -0.09
N ASP A 299 -20.93 13.40 0.35
CA ASP A 299 -19.90 12.56 1.02
C ASP A 299 -19.40 11.51 0.02
N THR A 300 -19.49 11.81 -1.29
CA THR A 300 -18.98 10.95 -2.38
C THR A 300 -17.49 10.72 -2.17
N LEU A 301 -17.05 9.46 -2.34
CA LEU A 301 -15.64 9.05 -2.37
C LEU A 301 -15.38 8.36 -3.72
N ARG A 302 -14.12 8.17 -4.06
CA ARG A 302 -13.72 7.45 -5.29
C ARG A 302 -13.47 5.98 -4.93
N LEU A 303 -13.98 5.08 -5.77
CA LEU A 303 -13.75 3.63 -5.64
C LEU A 303 -12.24 3.41 -5.62
N PRO A 304 -11.75 2.46 -4.80
CA PRO A 304 -12.60 1.47 -4.14
C PRO A 304 -13.24 1.86 -2.80
N MET A 305 -13.11 3.13 -2.37
CA MET A 305 -13.77 3.58 -1.13
C MET A 305 -15.25 3.74 -1.46
N THR A 306 -16.11 3.49 -0.49
CA THR A 306 -17.57 3.32 -0.68
C THR A 306 -18.31 4.23 0.28
N PRO A 307 -19.57 4.60 -0.04
CA PRO A 307 -20.42 5.38 0.86
C PRO A 307 -20.64 4.64 2.19
N ILE A 308 -20.71 5.39 3.28
CA ILE A 308 -20.91 4.85 4.65
C ILE A 308 -22.17 3.96 4.66
N THR A 309 -22.12 2.86 5.39
CA THR A 309 -23.26 1.93 5.60
C THR A 309 -24.28 2.61 6.53
N ASP A 310 -25.50 2.07 6.62
CA ASP A 310 -26.48 2.56 7.62
C ASP A 310 -25.91 2.39 9.04
N HIS A 311 -25.29 1.26 9.35
CA HIS A 311 -24.70 1.00 10.70
C HIS A 311 -23.67 2.08 11.02
N GLY A 312 -22.78 2.38 10.07
CA GLY A 312 -21.76 3.42 10.18
C GLY A 312 -22.40 4.77 10.44
N ARG A 313 -23.46 5.10 9.69
CA ARG A 313 -24.12 6.42 9.76
C ARG A 313 -24.67 6.60 11.19
N GLU A 314 -25.35 5.57 11.71
CA GLU A 314 -25.94 5.57 13.07
C GLU A 314 -24.82 5.82 14.09
N ALA A 315 -23.65 5.20 13.93
CA ALA A 315 -22.53 5.33 14.89
C ALA A 315 -22.02 6.77 14.90
N VAL A 316 -21.79 7.34 13.72
CA VAL A 316 -21.20 8.71 13.58
C VAL A 316 -22.22 9.73 14.13
N THR A 317 -23.51 9.54 13.83
CA THR A 317 -24.62 10.40 14.33
C THR A 317 -24.58 10.47 15.85
N ALA A 318 -24.59 9.30 16.51
CA ALA A 318 -24.52 9.16 17.98
C ALA A 318 -23.28 9.89 18.52
N ALA A 319 -22.13 9.69 17.87
CA ALA A 319 -20.85 10.27 18.32
C ALA A 319 -20.92 11.81 18.21
N LEU A 320 -21.45 12.32 17.09
CA LEU A 320 -21.60 13.79 16.88
C LEU A 320 -22.51 14.37 17.96
N LYS A 321 -23.63 13.70 18.25
CA LYS A 321 -24.60 14.14 19.30
C LYS A 321 -23.88 14.16 20.65
N HIS A 322 -23.16 13.10 21.01
CA HIS A 322 -22.41 13.00 22.29
C HIS A 322 -21.49 14.20 22.43
N ALA A 323 -20.88 14.64 21.34
CA ALA A 323 -19.94 15.79 21.31
C ALA A 323 -20.72 17.12 21.33
N GLY A 324 -22.06 17.08 21.22
CA GLY A 324 -22.93 18.26 21.25
C GLY A 324 -22.95 19.01 19.91
N LEU A 325 -22.62 18.33 18.81
CA LEU A 325 -22.43 18.99 17.48
C LEU A 325 -23.65 18.77 16.59
N LEU A 326 -24.50 17.79 16.91
CA LEU A 326 -25.86 17.55 16.35
C LEU A 326 -26.84 17.44 17.52
N MET B 35 -4.84 -24.02 -17.93
CA MET B 35 -3.71 -23.09 -18.30
C MET B 35 -3.10 -22.46 -17.03
N PHE B 36 -3.93 -22.13 -16.04
CA PHE B 36 -3.52 -21.44 -14.79
C PHE B 36 -3.26 -22.50 -13.70
N THR B 37 -2.38 -23.45 -13.98
CA THR B 37 -2.06 -24.57 -13.07
C THR B 37 -0.54 -24.76 -13.05
N GLY B 38 -0.03 -25.52 -12.08
CA GLY B 38 1.40 -25.85 -12.01
C GLY B 38 2.22 -24.73 -11.41
N SER B 39 3.52 -24.66 -11.76
CA SER B 39 4.48 -23.65 -11.26
C SER B 39 4.41 -22.42 -12.16
N ILE B 40 3.83 -21.33 -11.65
CA ILE B 40 3.77 -20.02 -12.37
C ILE B 40 4.77 -19.10 -11.68
N VAL B 41 5.73 -18.58 -12.43
CA VAL B 41 6.78 -17.73 -11.81
C VAL B 41 6.27 -16.28 -11.72
N ALA B 42 6.42 -15.66 -10.54
CA ALA B 42 6.31 -14.21 -10.35
C ALA B 42 7.67 -13.62 -10.73
N LEU B 43 7.83 -13.29 -11.99
CA LEU B 43 9.17 -13.04 -12.60
C LEU B 43 9.73 -11.70 -12.11
N VAL B 44 10.99 -11.71 -11.71
CA VAL B 44 11.76 -10.48 -11.40
C VAL B 44 11.84 -9.63 -12.68
N THR B 45 11.88 -8.29 -12.51
CA THR B 45 12.18 -7.33 -13.59
C THR B 45 13.66 -7.03 -13.50
N PRO B 46 14.52 -7.63 -14.36
CA PRO B 46 15.96 -7.47 -14.21
C PRO B 46 16.34 -6.04 -14.61
N MET B 47 17.27 -5.44 -13.88
CA MET B 47 17.68 -4.04 -14.14
C MET B 47 19.22 -3.95 -14.24
N ASP B 48 19.70 -2.99 -15.03
CA ASP B 48 21.13 -2.60 -15.05
C ASP B 48 21.42 -1.76 -13.79
N GLU B 49 22.67 -1.35 -13.62
CA GLU B 49 23.19 -0.58 -12.46
C GLU B 49 22.42 0.74 -12.30
N ASN B 50 21.76 1.25 -13.35
CA ASN B 50 21.01 2.54 -13.32
C ASN B 50 19.51 2.32 -13.09
N GLY B 51 19.06 1.07 -12.88
CA GLY B 51 17.64 0.78 -12.61
C GLY B 51 16.80 0.70 -13.86
N ASN B 52 17.42 0.72 -15.04
CA ASN B 52 16.71 0.50 -16.32
C ASN B 52 16.59 -1.00 -16.58
N VAL B 53 15.45 -1.41 -17.15
CA VAL B 53 15.16 -2.82 -17.49
C VAL B 53 16.23 -3.36 -18.45
N CYS B 54 16.77 -4.54 -18.16
CA CYS B 54 17.82 -5.24 -18.92
C CYS B 54 17.20 -6.31 -19.83
N ARG B 55 17.10 -6.01 -21.12
CA ARG B 55 16.51 -6.91 -22.14
C ARG B 55 17.34 -8.20 -22.24
N THR B 56 18.67 -8.11 -22.18
CA THR B 56 19.58 -9.29 -22.29
C THR B 56 19.26 -10.26 -21.14
N SER B 57 19.10 -9.73 -19.93
CA SER B 57 18.80 -10.53 -18.72
C SER B 57 17.37 -11.09 -18.82
N LEU B 58 16.42 -10.29 -19.33
CA LEU B 58 15.00 -10.71 -19.44
C LEU B 58 14.92 -11.88 -20.43
N LYS B 59 15.69 -11.83 -21.51
CA LYS B 59 15.77 -12.93 -22.49
C LYS B 59 16.29 -14.22 -21.82
N LYS B 60 17.38 -14.14 -21.05
CA LYS B 60 17.94 -15.29 -20.31
C LYS B 60 16.90 -15.85 -19.33
N LEU B 61 16.16 -14.99 -18.66
CA LEU B 61 15.15 -15.46 -17.67
C LEU B 61 14.08 -16.24 -18.40
N ILE B 62 13.54 -15.68 -19.47
CA ILE B 62 12.41 -16.29 -20.22
C ILE B 62 12.89 -17.62 -20.81
N ASP B 63 14.09 -17.66 -21.41
CA ASP B 63 14.68 -18.92 -21.96
C ASP B 63 14.76 -19.98 -20.85
N TYR B 64 15.21 -19.59 -19.65
CA TYR B 64 15.33 -20.46 -18.47
C TYR B 64 13.98 -21.09 -18.09
N HIS B 65 12.89 -20.29 -18.08
CA HIS B 65 11.53 -20.78 -17.72
C HIS B 65 11.00 -21.72 -18.80
N VAL B 66 11.23 -21.42 -20.07
CA VAL B 66 10.79 -22.31 -21.18
C VAL B 66 11.48 -23.66 -21.03
N ALA B 67 12.79 -23.66 -20.74
CA ALA B 67 13.65 -24.88 -20.66
C ALA B 67 13.32 -25.71 -19.41
N ASN B 68 12.71 -25.15 -18.35
CA ASN B 68 12.70 -25.80 -17.02
C ASN B 68 11.27 -26.08 -16.51
N GLY B 69 10.26 -26.05 -17.38
CA GLY B 69 8.92 -26.60 -17.12
C GLY B 69 7.94 -25.63 -16.49
N THR B 70 8.33 -24.35 -16.33
CA THR B 70 7.45 -23.31 -15.75
C THR B 70 6.16 -23.26 -16.60
N SER B 71 5.00 -23.19 -15.95
CA SER B 71 3.69 -23.21 -16.66
CA SER B 71 3.67 -23.21 -16.64
C SER B 71 3.38 -21.86 -17.29
N ALA B 72 3.65 -20.76 -16.59
CA ALA B 72 3.35 -19.40 -17.09
C ALA B 72 4.24 -18.39 -16.38
N ILE B 73 4.30 -17.18 -16.92
CA ILE B 73 5.04 -16.03 -16.35
C ILE B 73 4.04 -14.95 -15.96
N VAL B 74 4.08 -14.54 -14.68
CA VAL B 74 3.45 -13.29 -14.20
C VAL B 74 4.48 -12.17 -14.38
N SER B 75 4.17 -11.23 -15.27
CA SER B 75 5.03 -10.08 -15.62
C SER B 75 4.58 -8.86 -14.82
N VAL B 76 5.52 -8.28 -14.04
CA VAL B 76 5.31 -7.05 -13.22
C VAL B 76 4.21 -7.30 -12.16
N GLY B 77 4.33 -8.37 -11.38
CA GLY B 77 3.65 -8.51 -10.07
C GLY B 77 4.49 -7.85 -9.01
N THR B 78 4.26 -8.20 -7.73
CA THR B 78 5.00 -7.67 -6.56
C THR B 78 6.51 -7.96 -6.76
N THR B 79 6.83 -9.19 -7.16
CA THR B 79 8.23 -9.67 -7.32
C THR B 79 8.86 -8.94 -8.50
N GLY B 80 8.03 -8.47 -9.43
CA GLY B 80 8.45 -7.71 -10.62
C GLY B 80 8.61 -6.21 -10.35
N GLU B 81 8.51 -5.77 -9.10
CA GLU B 81 8.63 -4.33 -8.70
C GLU B 81 7.60 -3.47 -9.43
N SER B 82 6.34 -3.90 -9.47
CA SER B 82 5.20 -3.11 -10.01
C SER B 82 5.20 -1.70 -9.41
N ALA B 83 5.53 -1.55 -8.12
CA ALA B 83 5.43 -0.26 -7.39
C ALA B 83 6.35 0.79 -8.02
N THR B 84 7.54 0.42 -8.46
CA THR B 84 8.56 1.43 -8.87
C THR B 84 8.69 1.54 -10.40
N LEU B 85 7.78 0.92 -11.17
CA LEU B 85 7.70 1.12 -12.64
C LEU B 85 6.53 2.07 -12.94
N SER B 86 6.73 3.03 -13.84
CA SER B 86 5.64 3.83 -14.45
C SER B 86 4.68 2.91 -15.22
N HIS B 87 3.40 3.29 -15.39
CA HIS B 87 2.46 2.58 -16.31
C HIS B 87 3.13 2.32 -17.66
N GLU B 88 3.86 3.29 -18.20
CA GLU B 88 4.54 3.19 -19.52
C GLU B 88 5.65 2.12 -19.46
N GLU B 89 6.50 2.13 -18.43
CA GLU B 89 7.60 1.13 -18.29
C GLU B 89 6.99 -0.26 -18.04
N HIS B 90 5.92 -0.30 -17.25
CA HIS B 90 5.12 -1.50 -16.91
C HIS B 90 4.66 -2.14 -18.22
N GLY B 91 4.01 -1.34 -19.09
CA GLY B 91 3.59 -1.81 -20.43
C GLY B 91 4.74 -2.37 -21.22
N ASP B 92 5.87 -1.65 -21.27
CA ASP B 92 7.08 -2.04 -22.05
C ASP B 92 7.60 -3.39 -21.55
N VAL B 93 7.66 -3.63 -20.23
CA VAL B 93 8.18 -4.90 -19.66
C VAL B 93 7.26 -6.04 -20.08
N VAL B 94 5.94 -5.87 -19.95
CA VAL B 94 4.97 -6.93 -20.34
C VAL B 94 5.14 -7.20 -21.84
N MET B 95 5.15 -6.16 -22.68
CA MET B 95 5.24 -6.34 -24.16
C MET B 95 6.58 -7.01 -24.51
N MET B 96 7.69 -6.63 -23.86
CA MET B 96 9.02 -7.23 -24.12
C MET B 96 9.01 -8.71 -23.68
N THR B 97 8.29 -9.02 -22.61
CA THR B 97 8.14 -10.40 -22.09
C THR B 97 7.37 -11.21 -23.13
N LEU B 98 6.30 -10.66 -23.70
CA LEU B 98 5.49 -11.35 -24.75
C LEU B 98 6.36 -11.63 -25.98
N GLU B 99 7.13 -10.63 -26.40
CA GLU B 99 7.97 -10.69 -27.62
C GLU B 99 9.04 -11.78 -27.44
N LEU B 100 9.77 -11.78 -26.31
CA LEU B 100 10.86 -12.76 -26.04
C LEU B 100 10.27 -14.15 -25.79
N ALA B 101 9.10 -14.26 -25.14
CA ALA B 101 8.40 -15.54 -24.94
C ALA B 101 8.09 -16.17 -26.32
N ASP B 102 7.68 -15.35 -27.29
CA ASP B 102 7.44 -15.75 -28.71
C ASP B 102 6.53 -16.97 -28.76
N GLY B 103 5.43 -16.97 -28.00
CA GLY B 103 4.43 -18.05 -27.96
C GLY B 103 4.91 -19.31 -27.25
N ARG B 104 6.10 -19.32 -26.66
CA ARG B 104 6.68 -20.55 -26.06
C ARG B 104 6.14 -20.77 -24.63
N ILE B 105 5.63 -19.72 -23.98
CA ILE B 105 5.16 -19.78 -22.57
C ILE B 105 4.15 -18.66 -22.39
N PRO B 106 2.98 -18.93 -21.78
CA PRO B 106 1.98 -17.90 -21.56
C PRO B 106 2.44 -16.82 -20.57
N VAL B 107 1.94 -15.60 -20.77
CA VAL B 107 2.29 -14.41 -19.94
C VAL B 107 1.00 -13.87 -19.34
N ILE B 108 0.99 -13.68 -18.02
CA ILE B 108 -0.07 -13.01 -17.23
C ILE B 108 0.42 -11.61 -16.86
N ALA B 109 -0.35 -10.56 -17.14
CA ALA B 109 0.03 -9.17 -16.80
C ALA B 109 -0.34 -8.88 -15.34
N GLY B 110 0.58 -8.37 -14.53
CA GLY B 110 0.24 -7.68 -13.27
C GLY B 110 -0.52 -6.40 -13.60
N THR B 111 -1.74 -6.22 -13.11
CA THR B 111 -2.59 -5.05 -13.45
C THR B 111 -3.19 -4.40 -12.20
N GLY B 112 -2.66 -4.69 -11.02
CA GLY B 112 -3.26 -4.24 -9.77
C GLY B 112 -3.08 -2.74 -9.56
N ALA B 113 -4.03 -2.11 -8.90
CA ALA B 113 -3.91 -0.70 -8.47
C ALA B 113 -4.86 -0.45 -7.30
N ASN B 114 -4.59 0.61 -6.52
CA ASN B 114 -5.41 0.90 -5.31
C ASN B 114 -6.47 1.94 -5.67
N ALA B 115 -6.51 2.36 -6.93
CA ALA B 115 -7.59 3.22 -7.49
C ALA B 115 -8.28 2.44 -8.61
N THR B 116 -9.60 2.30 -8.53
CA THR B 116 -10.39 1.52 -9.50
C THR B 116 -10.17 2.07 -10.92
N ALA B 117 -10.17 3.38 -11.09
CA ALA B 117 -9.97 4.05 -12.40
C ALA B 117 -8.61 3.62 -12.96
N GLU B 118 -7.57 3.59 -12.11
CA GLU B 118 -6.18 3.23 -12.49
C GLU B 118 -6.12 1.75 -12.88
N ALA B 119 -6.78 0.86 -12.12
CA ALA B 119 -6.84 -0.58 -12.42
C ALA B 119 -7.50 -0.79 -13.80
N ILE B 120 -8.63 -0.13 -14.07
CA ILE B 120 -9.33 -0.19 -15.39
C ILE B 120 -8.35 0.23 -16.50
N SER B 121 -7.64 1.34 -16.32
CA SER B 121 -6.70 1.89 -17.33
CA SER B 121 -6.69 1.90 -17.31
C SER B 121 -5.59 0.87 -17.62
N LEU B 122 -5.03 0.24 -16.59
CA LEU B 122 -4.01 -0.82 -16.73
C LEU B 122 -4.58 -2.03 -17.48
N THR B 123 -5.80 -2.43 -17.13
CA THR B 123 -6.55 -3.57 -17.73
C THR B 123 -6.71 -3.33 -19.24
N LYS B 124 -7.16 -2.13 -19.62
CA LYS B 124 -7.37 -1.75 -21.04
C LYS B 124 -6.04 -1.77 -21.81
N ARG B 125 -4.95 -1.34 -21.19
CA ARG B 125 -3.60 -1.32 -21.80
C ARG B 125 -3.21 -2.73 -22.27
N PHE B 126 -3.65 -3.80 -21.59
CA PHE B 126 -3.20 -5.18 -21.93
C PHE B 126 -4.26 -5.97 -22.70
N ASN B 127 -5.48 -5.44 -22.87
CA ASN B 127 -6.48 -6.10 -23.75
C ASN B 127 -5.89 -6.14 -25.17
N ASP B 128 -5.88 -7.31 -25.79
CA ASP B 128 -5.45 -7.53 -27.20
C ASP B 128 -3.92 -7.46 -27.30
N SER B 129 -3.20 -7.60 -26.18
CA SER B 129 -1.71 -7.53 -26.11
C SER B 129 -1.09 -8.89 -26.44
N GLY B 130 -1.81 -9.99 -26.16
CA GLY B 130 -1.31 -11.37 -26.25
C GLY B 130 -1.14 -12.03 -24.88
N VAL B 131 -1.28 -11.30 -23.77
CA VAL B 131 -1.29 -11.93 -22.42
C VAL B 131 -2.53 -12.85 -22.35
N VAL B 132 -2.46 -13.92 -21.56
CA VAL B 132 -3.57 -14.91 -21.39
C VAL B 132 -4.45 -14.51 -20.21
N GLY B 133 -4.00 -13.61 -19.34
CA GLY B 133 -4.82 -13.15 -18.21
C GLY B 133 -4.15 -12.05 -17.42
N CYS B 134 -4.82 -11.59 -16.38
CA CYS B 134 -4.34 -10.50 -15.51
C CYS B 134 -4.31 -11.00 -14.06
N LEU B 135 -3.29 -10.57 -13.31
CA LEU B 135 -3.16 -10.76 -11.85
C LEU B 135 -3.38 -9.39 -11.20
N THR B 136 -4.45 -9.24 -10.42
CA THR B 136 -4.91 -7.93 -9.93
C THR B 136 -5.03 -7.98 -8.40
N VAL B 137 -4.15 -7.25 -7.73
CA VAL B 137 -4.06 -7.26 -6.24
C VAL B 137 -5.19 -6.43 -5.64
N THR B 138 -5.63 -6.80 -4.44
CA THR B 138 -6.52 -5.98 -3.59
C THR B 138 -5.88 -4.60 -3.45
N PRO B 139 -6.65 -3.51 -3.56
CA PRO B 139 -6.13 -2.19 -3.27
C PRO B 139 -5.35 -2.15 -1.94
N TYR B 140 -4.18 -1.52 -1.98
CA TYR B 140 -3.24 -1.38 -0.86
C TYR B 140 -3.38 0.04 -0.32
N TYR B 141 -3.05 0.23 0.96
CA TYR B 141 -2.90 1.52 1.65
C TYR B 141 -4.26 2.15 2.02
N ASN B 142 -5.25 2.15 1.13
CA ASN B 142 -6.52 2.90 1.39
C ASN B 142 -7.57 2.00 2.08
N ARG B 143 -7.33 0.70 2.18
CA ARG B 143 -8.14 -0.23 3.01
C ARG B 143 -9.64 -0.11 2.72
N PRO B 144 -10.10 -0.49 1.52
CA PRO B 144 -11.53 -0.53 1.22
C PRO B 144 -12.25 -1.60 2.05
N THR B 145 -13.57 -1.48 2.15
CA THR B 145 -14.46 -2.48 2.77
C THR B 145 -14.54 -3.69 1.84
N GLN B 146 -15.14 -4.78 2.29
CA GLN B 146 -15.36 -5.98 1.43
C GLN B 146 -16.28 -5.58 0.26
N GLU B 147 -17.28 -4.73 0.50
CA GLU B 147 -18.17 -4.24 -0.60
C GLU B 147 -17.33 -3.39 -1.56
N GLY B 148 -16.39 -2.58 -1.08
CA GLY B 148 -15.44 -1.83 -1.92
C GLY B 148 -14.63 -2.74 -2.82
N LEU B 149 -14.09 -3.83 -2.26
CA LEU B 149 -13.33 -4.83 -3.04
C LEU B 149 -14.26 -5.41 -4.11
N PHE B 150 -15.48 -5.74 -3.73
CA PHE B 150 -16.47 -6.30 -4.69
C PHE B 150 -16.65 -5.33 -5.86
N GLN B 151 -16.92 -4.06 -5.58
CA GLN B 151 -17.16 -3.03 -6.63
C GLN B 151 -15.88 -2.81 -7.45
N HIS B 152 -14.71 -2.80 -6.81
CA HIS B 152 -13.39 -2.65 -7.49
C HIS B 152 -13.23 -3.72 -8.57
N PHE B 153 -13.27 -5.00 -8.18
CA PHE B 153 -12.99 -6.13 -9.10
C PHE B 153 -14.15 -6.30 -10.08
N LYS B 154 -15.39 -5.97 -9.68
CA LYS B 154 -16.54 -6.00 -10.62
C LYS B 154 -16.29 -5.00 -11.76
N ALA B 155 -15.91 -3.76 -11.43
CA ALA B 155 -15.65 -2.69 -12.42
C ALA B 155 -14.53 -3.14 -13.37
N ILE B 156 -13.44 -3.71 -12.83
CA ILE B 156 -12.28 -4.17 -13.64
C ILE B 156 -12.77 -5.25 -14.61
N ALA B 157 -13.52 -6.24 -14.10
CA ALA B 157 -13.98 -7.41 -14.87
C ALA B 157 -14.89 -6.95 -16.03
N GLU B 158 -15.63 -5.86 -15.84
CA GLU B 158 -16.57 -5.31 -16.84
C GLU B 158 -15.83 -4.61 -17.99
N HIS B 159 -14.55 -4.28 -17.85
CA HIS B 159 -13.77 -3.50 -18.84
C HIS B 159 -12.74 -4.41 -19.52
N THR B 160 -12.97 -5.72 -19.56
CA THR B 160 -12.00 -6.68 -20.13
C THR B 160 -12.71 -7.92 -20.64
N ASP B 161 -12.05 -8.60 -21.57
CA ASP B 161 -12.36 -9.96 -22.06
C ASP B 161 -11.39 -10.95 -21.39
N LEU B 162 -10.35 -10.47 -20.72
CA LEU B 162 -9.24 -11.33 -20.22
C LEU B 162 -9.64 -11.98 -18.90
N PRO B 163 -9.25 -13.26 -18.67
CA PRO B 163 -9.37 -13.87 -17.35
C PRO B 163 -8.61 -13.06 -16.28
N GLN B 164 -9.25 -12.88 -15.13
CA GLN B 164 -8.74 -12.11 -13.96
C GLN B 164 -8.45 -13.07 -12.81
N ILE B 165 -7.22 -13.03 -12.30
CA ILE B 165 -6.82 -13.74 -11.07
C ILE B 165 -6.71 -12.71 -9.93
N LEU B 166 -7.62 -12.78 -8.96
CA LEU B 166 -7.58 -11.96 -7.73
C LEU B 166 -6.27 -12.27 -7.01
N TYR B 167 -5.75 -11.33 -6.23
CA TYR B 167 -4.50 -11.53 -5.47
C TYR B 167 -4.67 -10.92 -4.08
N ASN B 168 -4.63 -11.76 -3.05
CA ASN B 168 -4.86 -11.37 -1.63
C ASN B 168 -3.55 -11.54 -0.86
N VAL B 169 -3.00 -10.44 -0.33
CA VAL B 169 -1.72 -10.43 0.41
C VAL B 169 -1.80 -9.31 1.47
N PRO B 170 -2.65 -9.51 2.50
CA PRO B 170 -2.94 -8.48 3.51
C PRO B 170 -1.70 -8.00 4.27
N SER B 171 -0.65 -8.82 4.40
CA SER B 171 0.63 -8.41 5.04
C SER B 171 1.15 -7.15 4.34
N ARG B 172 0.99 -7.07 3.01
CA ARG B 172 1.51 -5.94 2.20
C ARG B 172 0.46 -4.85 2.00
N THR B 173 -0.82 -5.20 1.91
CA THR B 173 -1.89 -4.26 1.43
C THR B 173 -2.61 -3.56 2.60
N GLY B 174 -2.67 -4.19 3.77
CA GLY B 174 -3.54 -3.76 4.89
C GLY B 174 -5.00 -4.11 4.66
N CYS B 175 -5.29 -4.95 3.67
CA CYS B 175 -6.67 -5.30 3.28
C CYS B 175 -6.75 -6.82 3.11
N ASP B 176 -7.67 -7.47 3.81
CA ASP B 176 -7.82 -8.94 3.72
C ASP B 176 -9.14 -9.22 3.01
N MET B 177 -9.06 -9.70 1.78
CA MET B 177 -10.26 -10.15 1.03
C MET B 177 -10.68 -11.50 1.59
N LEU B 178 -11.86 -11.54 2.22
CA LEU B 178 -12.35 -12.74 2.95
C LEU B 178 -12.94 -13.74 1.95
N PRO B 179 -12.94 -15.05 2.29
CA PRO B 179 -13.57 -16.06 1.42
C PRO B 179 -14.97 -15.70 0.91
N GLU B 180 -15.82 -15.14 1.76
CA GLU B 180 -17.19 -14.71 1.36
C GLU B 180 -17.10 -13.79 0.15
N THR B 181 -16.18 -12.83 0.16
CA THR B 181 -16.02 -11.83 -0.93
C THR B 181 -15.50 -12.52 -2.19
N VAL B 182 -14.53 -13.44 -2.07
CA VAL B 182 -14.01 -14.23 -3.22
C VAL B 182 -15.22 -14.95 -3.86
N GLY B 183 -16.09 -15.51 -3.01
CA GLY B 183 -17.27 -16.28 -3.42
C GLY B 183 -18.21 -15.41 -4.25
N ARG B 184 -18.46 -14.18 -3.80
CA ARG B 184 -19.32 -13.22 -4.54
C ARG B 184 -18.66 -12.91 -5.89
N LEU B 185 -17.35 -12.67 -5.90
CA LEU B 185 -16.64 -12.25 -7.15
C LEU B 185 -16.56 -13.41 -8.14
N ALA B 186 -16.46 -14.65 -7.64
CA ALA B 186 -16.33 -15.87 -8.48
C ALA B 186 -17.55 -16.01 -9.40
N GLU B 187 -18.69 -15.40 -9.05
CA GLU B 187 -19.92 -15.42 -9.88
C GLU B 187 -19.79 -14.48 -11.10
N ILE B 188 -18.81 -13.59 -11.14
CA ILE B 188 -18.58 -12.69 -12.30
C ILE B 188 -17.74 -13.45 -13.33
N LYS B 189 -18.13 -13.36 -14.62
CA LYS B 189 -17.74 -14.31 -15.70
C LYS B 189 -16.22 -14.44 -15.85
N ASN B 190 -15.52 -13.29 -15.91
CA ASN B 190 -14.07 -13.12 -16.21
C ASN B 190 -13.19 -13.24 -14.94
N ILE B 191 -13.78 -13.36 -13.75
CA ILE B 191 -12.97 -13.60 -12.51
C ILE B 191 -12.85 -15.11 -12.32
N VAL B 192 -11.67 -15.65 -12.59
CA VAL B 192 -11.47 -17.11 -12.83
C VAL B 192 -10.68 -17.76 -11.69
N GLY B 193 -10.05 -16.99 -10.80
CA GLY B 193 -9.29 -17.61 -9.71
C GLY B 193 -8.69 -16.61 -8.74
N ILE B 194 -7.86 -17.10 -7.84
CA ILE B 194 -7.24 -16.25 -6.79
C ILE B 194 -5.85 -16.80 -6.46
N GLU B 196 -3.79 -16.78 -3.35
CA GLU B 196 -4.06 -16.56 -1.91
C GLU B 196 -2.72 -16.64 -1.19
N ALA B 197 -2.17 -15.49 -0.77
CA ALA B 197 -0.77 -15.41 -0.28
C ALA B 197 -0.70 -15.36 1.25
N THR B 198 -1.81 -15.53 1.98
CA THR B 198 -1.82 -15.40 3.47
C THR B 198 -1.05 -16.55 4.13
N GLY B 199 -0.95 -17.70 3.47
CA GLY B 199 -0.46 -18.95 4.09
C GLY B 199 -1.48 -19.55 5.04
N ASN B 200 -2.70 -19.01 5.09
CA ASN B 200 -3.80 -19.57 5.91
C ASN B 200 -4.43 -20.71 5.11
N LEU B 201 -4.09 -21.96 5.42
CA LEU B 201 -4.44 -23.12 4.56
C LEU B 201 -5.91 -23.49 4.72
N SER B 202 -6.58 -22.96 5.76
CA SER B 202 -8.04 -23.10 5.99
CA SER B 202 -8.04 -23.17 5.95
C SER B 202 -8.79 -22.51 4.80
N ARG B 203 -8.17 -21.54 4.12
CA ARG B 203 -8.84 -20.75 3.06
C ARG B 203 -9.04 -21.58 1.79
N VAL B 204 -8.31 -22.67 1.60
CA VAL B 204 -8.48 -23.50 0.38
C VAL B 204 -9.94 -23.97 0.33
N HIS B 205 -10.40 -24.63 1.38
CA HIS B 205 -11.76 -25.25 1.40
C HIS B 205 -12.83 -24.25 1.84
N GLN B 206 -12.46 -23.20 2.59
CA GLN B 206 -13.39 -22.08 2.87
C GLN B 206 -13.78 -21.44 1.53
N ILE B 207 -12.82 -21.26 0.63
CA ILE B 207 -13.12 -20.68 -0.72
C ILE B 207 -13.82 -21.73 -1.58
N LYS B 208 -13.29 -22.96 -1.65
CA LYS B 208 -13.84 -24.01 -2.56
C LYS B 208 -15.31 -24.22 -2.26
N GLU B 209 -15.70 -24.15 -0.99
CA GLU B 209 -17.10 -24.33 -0.52
C GLU B 209 -18.02 -23.30 -1.17
N LEU B 210 -17.51 -22.11 -1.52
CA LEU B 210 -18.35 -20.96 -1.97
C LEU B 210 -18.25 -20.75 -3.50
N VAL B 211 -17.48 -21.56 -4.22
CA VAL B 211 -17.23 -21.32 -5.68
C VAL B 211 -17.45 -22.62 -6.44
N SER B 212 -17.54 -22.52 -7.77
CA SER B 212 -17.65 -23.69 -8.68
C SER B 212 -16.31 -24.42 -8.68
N ASP B 213 -16.32 -25.70 -9.06
CA ASP B 213 -15.12 -26.57 -9.14
C ASP B 213 -14.13 -26.00 -10.16
N ASP B 214 -14.60 -25.18 -11.10
CA ASP B 214 -13.82 -24.53 -12.17
C ASP B 214 -12.96 -23.37 -11.64
N PHE B 215 -13.31 -22.79 -10.49
CA PHE B 215 -12.59 -21.61 -9.95
C PHE B 215 -11.17 -22.03 -9.57
N ILE B 216 -10.15 -21.28 -10.00
CA ILE B 216 -8.71 -21.68 -9.87
C ILE B 216 -8.15 -21.18 -8.52
N LEU B 217 -7.62 -22.07 -7.70
CA LEU B 217 -6.95 -21.69 -6.43
C LEU B 217 -5.45 -21.90 -6.58
N LEU B 218 -4.68 -20.82 -6.42
CA LEU B 218 -3.21 -20.81 -6.52
C LEU B 218 -2.62 -20.21 -5.23
N SER B 219 -1.55 -20.83 -4.75
CA SER B 219 -0.78 -20.36 -3.58
C SER B 219 0.03 -19.14 -4.01
N GLY B 220 0.07 -18.11 -3.17
CA GLY B 220 1.04 -17.02 -3.29
C GLY B 220 2.00 -17.01 -2.12
N ASP B 221 2.07 -18.10 -1.34
CA ASP B 221 2.96 -18.26 -0.16
C ASP B 221 3.85 -19.49 -0.36
N ASP B 222 5.12 -19.27 -0.74
CA ASP B 222 6.01 -20.37 -1.18
C ASP B 222 6.16 -21.41 -0.06
N ALA B 223 6.32 -21.01 1.21
CA ALA B 223 6.58 -21.98 2.31
C ALA B 223 5.36 -22.89 2.56
N THR B 224 4.14 -22.51 2.16
CA THR B 224 2.93 -23.37 2.34
C THR B 224 2.35 -23.84 0.99
N GLY B 225 3.02 -23.59 -0.13
CA GLY B 225 2.52 -23.92 -1.48
C GLY B 225 2.24 -25.41 -1.65
N MET B 226 3.15 -26.25 -1.16
CA MET B 226 3.00 -27.72 -1.20
C MET B 226 1.74 -28.15 -0.41
N ASP B 227 1.58 -27.64 0.81
CA ASP B 227 0.40 -27.93 1.67
C ASP B 227 -0.87 -27.47 0.94
N PHE B 228 -0.81 -26.31 0.30
CA PHE B 228 -1.96 -25.68 -0.40
C PHE B 228 -2.42 -26.61 -1.55
N MET B 229 -1.46 -27.16 -2.30
CA MET B 229 -1.75 -28.09 -3.43
C MET B 229 -2.28 -29.42 -2.88
N GLN B 230 -1.71 -29.93 -1.79
CA GLN B 230 -2.19 -31.20 -1.20
C GLN B 230 -3.65 -31.05 -0.77
N LEU B 231 -4.07 -29.85 -0.35
CA LEU B 231 -5.48 -29.60 0.09
C LEU B 231 -6.40 -29.38 -1.11
N GLY B 232 -5.87 -29.26 -2.33
CA GLY B 232 -6.70 -29.14 -3.54
C GLY B 232 -6.36 -27.93 -4.39
N GLY B 233 -5.44 -27.05 -3.97
CA GLY B 233 -4.94 -25.98 -4.85
C GLY B 233 -4.33 -26.58 -6.11
N VAL B 234 -4.33 -25.85 -7.23
CA VAL B 234 -3.91 -26.41 -8.55
C VAL B 234 -2.57 -25.80 -8.99
N GLY B 235 -1.91 -25.06 -8.12
CA GLY B 235 -0.55 -24.56 -8.39
C GLY B 235 -0.15 -23.44 -7.46
N VAL B 236 0.94 -22.77 -7.83
CA VAL B 236 1.61 -21.70 -7.03
C VAL B 236 2.01 -20.60 -7.99
N ILE B 237 1.76 -19.34 -7.63
CA ILE B 237 2.45 -18.18 -8.25
C ILE B 237 3.62 -17.88 -7.31
N SER B 238 4.83 -18.21 -7.77
CA SER B 238 5.98 -18.56 -6.92
C SER B 238 7.10 -17.53 -7.07
N VAL B 239 7.72 -17.17 -5.95
CA VAL B 239 9.02 -16.46 -5.93
C VAL B 239 10.13 -17.49 -6.11
N THR B 240 10.08 -18.58 -5.38
CA THR B 240 11.10 -19.67 -5.42
C THR B 240 11.34 -20.13 -6.87
N ALA B 241 10.31 -20.18 -7.71
CA ALA B 241 10.41 -20.61 -9.13
C ALA B 241 11.43 -19.76 -9.89
N ASN B 242 11.70 -18.53 -9.46
CA ASN B 242 12.71 -17.65 -10.12
C ASN B 242 14.11 -18.29 -10.14
N VAL B 243 14.45 -19.07 -9.12
CA VAL B 243 15.83 -19.61 -8.95
C VAL B 243 15.81 -21.15 -8.94
N ALA B 244 14.65 -21.78 -8.85
CA ALA B 244 14.54 -23.26 -8.82
C ALA B 244 13.37 -23.71 -9.69
N ALA B 245 13.35 -23.26 -10.94
CA ALA B 245 12.21 -23.47 -11.87
C ALA B 245 11.94 -24.97 -12.05
N ARG B 246 12.99 -25.77 -12.24
CA ARG B 246 12.83 -27.22 -12.56
C ARG B 246 12.23 -27.93 -11.34
N GLU B 247 12.75 -27.64 -10.16
CA GLU B 247 12.32 -28.27 -8.88
C GLU B 247 10.86 -27.88 -8.58
N MET B 248 10.51 -26.61 -8.76
CA MET B 248 9.12 -26.12 -8.54
C MET B 248 8.16 -26.73 -9.58
N ALA B 249 8.56 -26.80 -10.85
CA ALA B 249 7.75 -27.46 -11.90
C ALA B 249 7.54 -28.93 -11.51
N ASP B 250 8.58 -29.65 -11.10
CA ASP B 250 8.47 -31.07 -10.69
C ASP B 250 7.56 -31.18 -9.47
N MET B 251 7.75 -30.33 -8.45
CA MET B 251 6.92 -30.44 -7.22
C MET B 251 5.44 -30.25 -7.56
N CYS B 252 5.09 -29.24 -8.36
CA CYS B 252 3.68 -28.94 -8.71
C CYS B 252 3.11 -30.09 -9.56
N ARG B 253 3.90 -30.61 -10.51
CA ARG B 253 3.45 -31.75 -11.36
C ARG B 253 3.14 -32.97 -10.47
N LEU B 254 4.06 -33.35 -9.59
CA LEU B 254 3.87 -34.51 -8.69
C LEU B 254 2.68 -34.25 -7.75
N ALA B 255 2.54 -33.06 -7.19
CA ALA B 255 1.39 -32.71 -6.30
C ALA B 255 0.06 -32.86 -7.04
N LEU B 256 -0.03 -32.31 -8.25
CA LEU B 256 -1.27 -32.39 -9.06
C LEU B 256 -1.57 -33.85 -9.44
N ALA B 257 -0.55 -34.68 -9.54
CA ALA B 257 -0.68 -36.13 -9.85
C ALA B 257 -0.97 -36.95 -8.60
N GLY B 258 -0.98 -36.34 -7.41
CA GLY B 258 -1.26 -37.04 -6.14
C GLY B 258 -0.05 -37.76 -5.58
N GLN B 259 1.15 -37.50 -6.11
CA GLN B 259 2.41 -38.07 -5.58
C GLN B 259 2.93 -37.17 -4.46
N PHE B 260 2.23 -37.12 -3.33
CA PHE B 260 2.52 -36.15 -2.24
C PHE B 260 3.88 -36.42 -1.59
N ALA B 261 4.22 -37.68 -1.32
CA ALA B 261 5.53 -38.07 -0.75
C ALA B 261 6.66 -37.55 -1.61
N GLU B 262 6.64 -37.81 -2.93
CA GLU B 262 7.73 -37.38 -3.84
C GLU B 262 7.76 -35.84 -3.94
N ALA B 263 6.59 -35.22 -4.01
CA ALA B 263 6.45 -33.74 -4.07
C ALA B 263 7.06 -33.14 -2.79
N ARG B 264 6.79 -33.76 -1.64
CA ARG B 264 7.24 -33.22 -0.34
C ARG B 264 8.76 -33.36 -0.18
N ALA B 265 9.39 -34.38 -0.77
CA ALA B 265 10.87 -34.52 -0.74
C ALA B 265 11.51 -33.34 -1.49
N ILE B 266 10.91 -32.89 -2.61
CA ILE B 266 11.37 -31.68 -3.34
C ILE B 266 11.12 -30.46 -2.45
N ASN B 267 9.93 -30.37 -1.85
CA ASN B 267 9.58 -29.26 -0.93
C ASN B 267 10.66 -29.10 0.15
N GLN B 268 11.13 -30.21 0.73
CA GLN B 268 12.16 -30.16 1.81
C GLN B 268 13.49 -29.67 1.24
N ARG B 269 13.86 -30.05 0.01
CA ARG B 269 15.09 -29.53 -0.64
C ARG B 269 14.96 -28.00 -0.84
N LEU B 270 13.75 -27.50 -1.05
CA LEU B 270 13.49 -26.06 -1.36
C LEU B 270 13.12 -25.24 -0.11
N MET B 271 12.85 -25.85 1.04
CA MET B 271 12.23 -25.12 2.19
C MET B 271 13.16 -23.99 2.65
N PRO B 272 14.50 -24.18 2.74
CA PRO B 272 15.41 -23.06 3.01
C PRO B 272 15.26 -21.89 2.02
N LEU B 273 15.08 -22.16 0.71
CA LEU B 273 14.75 -21.10 -0.26
C LEU B 273 13.37 -20.51 0.06
N HIS B 274 12.36 -21.35 0.30
CA HIS B 274 10.99 -20.84 0.58
C HIS B 274 11.05 -19.85 1.76
N THR B 275 11.94 -20.07 2.72
CA THR B 275 12.07 -19.24 3.96
C THR B 275 12.99 -18.04 3.70
N LYS B 276 14.23 -18.33 3.29
CA LYS B 276 15.32 -17.32 3.17
C LYS B 276 15.11 -16.37 1.99
N LEU B 277 14.26 -16.67 1.00
CA LEU B 277 13.96 -15.68 -0.07
C LEU B 277 13.12 -14.52 0.51
N PHE B 278 12.72 -14.61 1.79
CA PHE B 278 12.00 -13.52 2.52
C PHE B 278 12.81 -13.12 3.76
N VAL B 279 14.12 -13.40 3.79
CA VAL B 279 14.99 -12.99 4.92
C VAL B 279 15.04 -11.45 4.96
N GLU B 280 14.99 -10.82 3.79
CA GLU B 280 14.68 -9.38 3.61
C GLU B 280 13.46 -9.35 2.70
N PRO B 281 12.78 -8.19 2.59
CA PRO B 281 11.52 -8.15 1.84
C PRO B 281 11.73 -8.52 0.37
N ASN B 282 10.89 -9.45 -0.09
CA ASN B 282 10.78 -9.83 -1.52
C ASN B 282 10.58 -8.55 -2.34
N PRO B 283 11.28 -8.32 -3.47
CA PRO B 283 12.21 -9.26 -4.09
C PRO B 283 13.71 -9.01 -3.89
N ILE B 284 14.12 -8.43 -2.77
CA ILE B 284 15.57 -8.17 -2.51
C ILE B 284 16.34 -9.48 -2.59
N PRO B 285 15.99 -10.54 -1.81
CA PRO B 285 16.73 -11.80 -1.86
C PRO B 285 16.69 -12.53 -3.21
N VAL B 286 15.52 -12.65 -3.84
CA VAL B 286 15.40 -13.45 -5.11
C VAL B 286 16.19 -12.79 -6.25
N LYS B 287 16.27 -11.46 -6.30
CA LYS B 287 17.06 -10.76 -7.36
C LYS B 287 18.54 -11.09 -7.16
N TRP B 288 19.03 -11.14 -5.92
CA TRP B 288 20.43 -11.58 -5.70
C TRP B 288 20.60 -13.05 -6.12
N GLY B 289 19.63 -13.91 -5.82
CA GLY B 289 19.64 -15.33 -6.19
C GLY B 289 19.80 -15.53 -7.68
N CYS B 290 19.01 -14.81 -8.48
CA CYS B 290 19.06 -14.82 -9.96
C CYS B 290 20.46 -14.41 -10.43
N LYS B 291 21.07 -13.43 -9.77
CA LYS B 291 22.43 -12.96 -10.13
C LYS B 291 23.43 -14.08 -9.85
N ALA B 292 23.34 -14.69 -8.68
CA ALA B 292 24.24 -15.78 -8.21
C ALA B 292 24.18 -16.97 -9.17
N LEU B 293 23.03 -17.23 -9.81
CA LEU B 293 22.87 -18.36 -10.78
C LEU B 293 23.20 -17.90 -12.21
N GLY B 294 23.62 -16.65 -12.42
CA GLY B 294 24.00 -16.17 -13.76
C GLY B 294 22.81 -15.81 -14.63
N LEU B 295 21.59 -15.76 -14.09
CA LEU B 295 20.35 -15.54 -14.89
C LEU B 295 20.17 -14.05 -15.21
N VAL B 296 20.68 -13.15 -14.35
CA VAL B 296 20.65 -11.67 -14.57
C VAL B 296 22.06 -11.12 -14.34
N ALA B 297 22.39 -9.98 -14.95
CA ALA B 297 23.72 -9.35 -14.90
C ALA B 297 23.90 -8.64 -13.56
N THR B 298 22.85 -7.96 -13.08
CA THR B 298 22.89 -7.17 -11.81
C THR B 298 21.60 -7.44 -11.00
N ASP B 299 21.71 -7.39 -9.68
CA ASP B 299 20.54 -7.50 -8.76
C ASP B 299 20.12 -6.10 -8.30
N THR B 300 20.35 -5.07 -9.11
CA THR B 300 19.87 -3.69 -8.86
C THR B 300 18.34 -3.69 -8.71
N LEU B 301 17.83 -3.00 -7.69
CA LEU B 301 16.38 -2.69 -7.53
C LEU B 301 16.19 -1.16 -7.56
N ARG B 302 14.94 -0.71 -7.61
CA ARG B 302 14.63 0.73 -7.55
C ARG B 302 14.28 1.11 -6.11
N LEU B 303 14.79 2.25 -5.67
CA LEU B 303 14.43 2.82 -4.35
C LEU B 303 12.91 2.91 -4.31
N PRO B 304 12.27 2.57 -3.16
CA PRO B 304 12.99 2.38 -1.89
C PRO B 304 13.55 0.99 -1.59
N MET B 305 13.49 0.07 -2.55
CA MET B 305 14.05 -1.29 -2.34
C MET B 305 15.57 -1.15 -2.49
N THR B 306 16.32 -1.95 -1.73
CA THR B 306 17.79 -1.79 -1.54
C THR B 306 18.47 -3.10 -1.85
N PRO B 307 19.79 -3.08 -2.16
CA PRO B 307 20.54 -4.31 -2.41
C PRO B 307 20.57 -5.21 -1.17
N ILE B 308 20.67 -6.52 -1.38
CA ILE B 308 20.67 -7.50 -0.26
C ILE B 308 21.83 -7.16 0.68
N THR B 309 21.65 -7.38 1.99
CA THR B 309 22.69 -7.23 3.02
C THR B 309 23.63 -8.43 2.97
N ASP B 310 24.81 -8.34 3.59
CA ASP B 310 25.72 -9.52 3.69
C ASP B 310 25.01 -10.67 4.41
N HIS B 311 24.29 -10.38 5.50
CA HIS B 311 23.51 -11.40 6.25
C HIS B 311 22.53 -12.11 5.30
N GLY B 312 21.79 -11.34 4.50
CA GLY B 312 20.85 -11.87 3.49
C GLY B 312 21.56 -12.72 2.44
N ARG B 313 22.66 -12.21 1.88
CA ARG B 313 23.45 -12.91 0.84
C ARG B 313 23.88 -14.30 1.35
N GLU B 314 24.38 -14.36 2.59
CA GLU B 314 24.88 -15.63 3.20
C GLU B 314 23.73 -16.63 3.32
N ALA B 315 22.55 -16.17 3.77
CA ALA B 315 21.35 -17.01 3.97
C ALA B 315 20.90 -17.57 2.62
N VAL B 316 20.81 -16.72 1.60
CA VAL B 316 20.36 -17.16 0.25
C VAL B 316 21.40 -18.11 -0.35
N THR B 317 22.69 -17.83 -0.21
CA THR B 317 23.78 -18.73 -0.66
C THR B 317 23.58 -20.13 -0.05
N ALA B 318 23.40 -20.21 1.27
CA ALA B 318 23.22 -21.48 2.02
C ALA B 318 21.96 -22.21 1.52
N ALA B 319 20.85 -21.50 1.30
CA ALA B 319 19.58 -22.07 0.78
C ALA B 319 19.78 -22.63 -0.64
N LEU B 320 20.46 -21.91 -1.53
CA LEU B 320 20.71 -22.34 -2.93
C LEU B 320 21.57 -23.61 -2.91
N LYS B 321 22.55 -23.65 -2.01
CA LYS B 321 23.47 -24.83 -1.91
C LYS B 321 22.69 -26.03 -1.37
N HIS B 322 21.82 -25.82 -0.39
CA HIS B 322 20.93 -26.87 0.17
C HIS B 322 20.10 -27.50 -0.95
N ALA B 323 19.62 -26.69 -1.92
CA ALA B 323 18.77 -27.17 -3.03
C ALA B 323 19.63 -27.79 -4.14
N GLY B 324 20.96 -27.73 -4.01
CA GLY B 324 21.92 -28.29 -4.98
C GLY B 324 22.08 -27.41 -6.21
N LEU B 325 21.89 -26.09 -6.07
CA LEU B 325 21.78 -25.17 -7.24
C LEU B 325 23.03 -24.29 -7.34
N LEU B 326 23.88 -24.27 -6.31
CA LEU B 326 25.25 -23.66 -6.34
C LEU B 326 26.27 -24.73 -5.99
#